data_1JGV
#
_entry.id   1JGV
#
_cell.length_a   67.65
_cell.length_b   48.17
_cell.length_c   69.28
_cell.angle_alpha   90
_cell.angle_beta   106.20
_cell.angle_gamma   90
#
_symmetry.space_group_name_H-M   'P 1 21 1'
#
loop_
_entity.id
_entity.type
_entity.pdbx_description
1 polymer 'Antibody Light Chain'
2 polymer 'Antibody Heavy Chain'
3 water water
#
loop_
_entity_poly.entity_id
_entity_poly.type
_entity_poly.pdbx_seq_one_letter_code
_entity_poly.pdbx_strand_id
1 'polypeptide(L)'
;EVVMTQSPLSLPVSLGDQASISCRSSQSLVHSNGNTYLHWYLQKPGQSPKLLIYKVSNRFSGVPDRFSGSGSGTDFTLKI
SRVEAEDLGVYFCSQSTHVPPLTFGAGTKLELKRADAAPTVSIFPPSSEQLTSGGASVVCFLNNFYPKDINVKWKIDGSE
RQNGVLNSWTDQDSKDSTYSMSSTLTLTKDEYERHNSYTCEATHKTSTSPIVKSFNRNEC
;
L
2 'polypeptide(L)'
;EVKLVESRGGLVKPGGSLQLSCAASGFTFSGYAMSWFRLTPEKRLEWVASIYNGFRIHYLDSVKGRFTISSDYARNILYL
QMSTLRSEDTAMYYCSRGDAYSRYFDVWGAGTTVTVSAAKTTAPSVYPLAPVCGDTTGSSVTLGCLVKGYFPEPVTLTWN
SGSLSSGVHTFPAVLQSDLYTLSSSVTVTSSTWPSQSITCNVAHPASSTKVDKKIEPR
;
H
#
# COMPACT_ATOMS: atom_id res chain seq x y z
N GLU A 1 -17.48 13.49 15.90
CA GLU A 1 -16.85 12.93 14.67
C GLU A 1 -16.35 14.04 13.77
N VAL A 2 -15.08 14.41 13.94
CA VAL A 2 -14.48 15.48 13.16
C VAL A 2 -13.81 14.91 11.91
N VAL A 3 -14.27 15.37 10.75
CA VAL A 3 -13.72 14.91 9.47
C VAL A 3 -12.56 15.82 9.10
N MET A 4 -11.44 15.22 8.71
CA MET A 4 -10.24 15.99 8.33
C MET A 4 -10.01 15.82 6.84
N THR A 5 -9.94 16.94 6.12
CA THR A 5 -9.75 16.92 4.67
C THR A 5 -8.42 17.53 4.24
N GLN A 6 -7.55 16.73 3.63
CA GLN A 6 -6.25 17.24 3.18
C GLN A 6 -6.25 17.49 1.68
N SER A 7 -5.54 18.54 1.27
CA SER A 7 -5.41 18.91 -0.14
C SER A 7 -3.98 19.33 -0.41
N PRO A 8 -3.35 18.78 -1.46
CA PRO A 8 -3.87 17.78 -2.38
C PRO A 8 -3.58 16.38 -1.86
N LEU A 9 -4.07 15.38 -2.59
CA LEU A 9 -3.85 13.98 -2.21
C LEU A 9 -2.45 13.58 -2.62
N SER A 10 -1.96 14.20 -3.69
CA SER A 10 -0.63 13.94 -4.22
C SER A 10 0.02 15.27 -4.58
N LEU A 11 1.25 15.49 -4.12
CA LEU A 11 1.97 16.72 -4.39
C LEU A 11 3.34 16.47 -5.00
N PRO A 12 3.46 16.60 -6.32
CA PRO A 12 4.75 16.37 -6.97
C PRO A 12 5.62 17.62 -6.81
N VAL A 13 6.89 17.43 -6.50
CA VAL A 13 7.81 18.55 -6.32
C VAL A 13 9.20 18.16 -6.81
N SER A 14 10.05 19.17 -7.00
CA SER A 14 11.42 18.92 -7.41
C SER A 14 12.25 19.13 -6.15
N LEU A 15 13.34 18.37 -5.99
CA LEU A 15 14.16 18.54 -4.80
C LEU A 15 14.67 19.97 -4.76
N GLY A 16 14.55 20.60 -3.60
CA GLY A 16 14.99 21.98 -3.43
C GLY A 16 13.83 22.96 -3.40
N ASP A 17 12.68 22.52 -3.91
CA ASP A 17 11.49 23.36 -3.95
C ASP A 17 10.79 23.49 -2.60
N GLN A 18 9.86 24.44 -2.54
CA GLN A 18 9.08 24.67 -1.35
C GLN A 18 7.80 23.86 -1.56
N ALA A 19 7.22 23.35 -0.47
CA ALA A 19 5.99 22.58 -0.58
C ALA A 19 5.02 23.02 0.51
N SER A 20 3.72 22.98 0.20
CA SER A 20 2.67 23.36 1.13
C SER A 20 1.51 22.38 1.08
N ILE A 21 1.16 21.81 2.23
CA ILE A 21 0.07 20.85 2.34
C ILE A 21 -1.03 21.45 3.20
N SER A 22 -2.26 21.31 2.76
CA SER A 22 -3.39 21.87 3.50
C SER A 22 -4.24 20.83 4.20
N CYS A 23 -4.85 21.25 5.29
CA CYS A 23 -5.71 20.37 6.09
C CYS A 23 -6.85 21.19 6.65
N ARG A 24 -8.06 20.69 6.47
CA ARG A 24 -9.26 21.36 6.92
C ARG A 24 -10.13 20.45 7.80
N SER A 25 -10.68 21.02 8.87
CA SER A 25 -11.52 20.25 9.78
C SER A 25 -12.99 20.62 9.59
N SER A 26 -13.88 19.69 9.90
CA SER A 26 -15.31 19.91 9.75
C SER A 26 -15.83 20.88 10.81
N GLN A 27 -15.09 21.01 11.90
CA GLN A 27 -15.45 21.92 12.99
C GLN A 27 -14.19 22.62 13.47
N SER A 28 -14.34 23.76 14.13
CA SER A 28 -13.18 24.48 14.65
C SER A 28 -12.46 23.56 15.62
N LEU A 29 -11.12 23.60 15.61
CA LEU A 29 -10.34 22.76 16.50
C LEU A 29 -9.90 23.52 17.76
N VAL A 30 -10.41 24.73 17.95
CA VAL A 30 -10.08 25.50 19.14
C VAL A 30 -10.84 24.88 20.31
N HIS A 31 -10.11 24.37 21.29
CA HIS A 31 -10.70 23.75 22.46
C HIS A 31 -11.22 24.83 23.42
N SER A 32 -12.12 24.45 24.31
CA SER A 32 -12.67 25.39 25.29
C SER A 32 -11.56 26.01 26.14
N ASN A 33 -10.44 25.31 26.29
CA ASN A 33 -9.33 25.83 27.09
C ASN A 33 -8.40 26.75 26.28
N GLY A 34 -8.74 26.99 25.01
CA GLY A 34 -7.94 27.88 24.20
C GLY A 34 -6.87 27.25 23.33
N ASN A 35 -6.56 25.99 23.57
CA ASN A 35 -5.54 25.30 22.77
C ASN A 35 -6.17 24.72 21.51
N THR A 36 -5.35 24.54 20.48
CA THR A 36 -5.78 23.97 19.21
C THR A 36 -4.95 22.71 18.99
N TYR A 37 -5.57 21.55 19.22
CA TYR A 37 -4.88 20.27 19.09
C TYR A 37 -4.87 19.70 17.68
N LEU A 38 -4.11 20.35 16.81
CA LEU A 38 -3.97 19.93 15.42
C LEU A 38 -2.48 19.55 15.26
N HIS A 39 -2.21 18.36 14.75
CA HIS A 39 -0.83 17.88 14.61
C HIS A 39 -0.54 17.35 13.22
N TRP A 40 0.74 17.28 12.87
CA TRP A 40 1.17 16.77 11.57
C TRP A 40 2.15 15.63 11.76
N TYR A 41 1.91 14.53 11.05
CA TYR A 41 2.77 13.34 11.12
C TYR A 41 3.25 12.98 9.71
N LEU A 42 4.35 12.25 9.64
CA LEU A 42 4.89 11.79 8.37
C LEU A 42 5.13 10.28 8.49
N GLN A 43 4.69 9.54 7.48
CA GLN A 43 4.90 8.10 7.47
C GLN A 43 5.54 7.68 6.15
N LYS A 44 6.72 7.08 6.24
CA LYS A 44 7.47 6.60 5.09
C LYS A 44 7.20 5.12 4.87
N PRO A 45 7.32 4.64 3.63
CA PRO A 45 7.08 3.22 3.33
C PRO A 45 7.85 2.30 4.29
N GLY A 46 7.15 1.31 4.83
CA GLY A 46 7.79 0.38 5.73
C GLY A 46 8.17 0.91 7.12
N GLN A 47 7.80 2.16 7.42
CA GLN A 47 8.12 2.72 8.73
C GLN A 47 6.85 3.15 9.46
N SER A 48 6.98 3.40 10.76
CA SER A 48 5.85 3.82 11.56
C SER A 48 5.73 5.34 11.43
N PRO A 49 4.58 5.90 11.85
CA PRO A 49 4.41 7.36 11.76
C PRO A 49 5.40 8.12 12.64
N LYS A 50 5.75 9.32 12.22
CA LYS A 50 6.68 10.17 12.97
C LYS A 50 6.04 11.54 13.18
N LEU A 51 6.06 12.02 14.41
CA LEU A 51 5.51 13.33 14.71
C LEU A 51 6.42 14.46 14.22
N LEU A 52 5.83 15.41 13.50
CA LEU A 52 6.61 16.55 13.00
C LEU A 52 6.24 17.85 13.71
N ILE A 53 4.95 18.16 13.74
CA ILE A 53 4.47 19.40 14.36
C ILE A 53 3.27 19.13 15.27
N TYR A 54 3.25 19.74 16.45
CA TYR A 54 2.10 19.56 17.36
C TYR A 54 1.49 20.91 17.69
N LYS A 55 0.20 20.89 18.02
CA LYS A 55 -0.54 22.09 18.32
C LYS A 55 -0.28 23.23 17.33
N VAL A 56 -0.55 22.90 16.07
CA VAL A 56 -0.44 23.81 14.94
C VAL A 56 0.93 24.26 14.47
N SER A 57 1.73 24.78 15.40
CA SER A 57 3.04 25.31 15.01
C SER A 57 4.24 24.99 15.90
N ASN A 58 4.13 23.96 16.72
CA ASN A 58 5.26 23.60 17.58
C ASN A 58 6.08 22.47 16.95
N ARG A 59 7.31 22.76 16.53
CA ARG A 59 8.14 21.71 15.92
C ARG A 59 8.61 20.77 17.02
N PHE A 60 8.42 19.48 16.81
CA PHE A 60 8.84 18.49 17.78
C PHE A 60 10.36 18.36 17.80
N SER A 61 10.90 17.97 18.95
CA SER A 61 12.34 17.82 19.11
C SER A 61 12.98 16.97 18.02
N GLY A 62 14.03 17.49 17.41
CA GLY A 62 14.73 16.75 16.38
C GLY A 62 14.29 17.02 14.94
N VAL A 63 13.13 17.65 14.78
CA VAL A 63 12.61 17.93 13.45
C VAL A 63 13.33 19.16 12.84
N PRO A 64 13.77 19.04 11.58
CA PRO A 64 14.46 20.12 10.87
C PRO A 64 13.66 21.43 10.80
N ASP A 65 14.35 22.56 10.87
CA ASP A 65 13.67 23.85 10.83
C ASP A 65 13.02 24.14 9.48
N ARG A 66 13.23 23.26 8.50
CA ARG A 66 12.60 23.48 7.20
C ARG A 66 11.10 23.21 7.28
N PHE A 67 10.68 22.51 8.33
CA PHE A 67 9.25 22.21 8.53
C PHE A 67 8.63 23.26 9.44
N SER A 68 7.50 23.83 9.02
CA SER A 68 6.80 24.83 9.84
C SER A 68 5.31 24.65 9.66
N GLY A 69 4.53 24.99 10.69
CA GLY A 69 3.10 24.85 10.61
C GLY A 69 2.36 26.13 10.98
N SER A 70 1.22 26.35 10.35
CA SER A 70 0.42 27.54 10.60
C SER A 70 -1.07 27.25 10.43
N GLY A 71 -1.89 28.28 10.66
CA GLY A 71 -3.33 28.12 10.51
C GLY A 71 -4.08 28.39 11.78
N SER A 72 -5.41 28.26 11.74
CA SER A 72 -6.23 28.49 12.92
C SER A 72 -7.67 28.08 12.65
N GLY A 73 -8.39 27.76 13.73
CA GLY A 73 -9.78 27.36 13.59
C GLY A 73 -10.01 26.07 12.84
N THR A 74 -10.31 26.17 11.55
CA THR A 74 -10.58 25.00 10.73
C THR A 74 -9.63 24.82 9.54
N ASP A 75 -8.66 25.72 9.39
CA ASP A 75 -7.75 25.60 8.26
C ASP A 75 -6.27 25.69 8.63
N PHE A 76 -5.52 24.66 8.26
CA PHE A 76 -4.11 24.58 8.60
C PHE A 76 -3.19 24.24 7.42
N THR A 77 -1.93 24.61 7.56
CA THR A 77 -0.95 24.40 6.51
C THR A 77 0.41 23.97 7.01
N LEU A 78 0.95 22.92 6.40
CA LEU A 78 2.29 22.44 6.74
C LEU A 78 3.17 22.89 5.58
N LYS A 79 4.28 23.55 5.90
CA LYS A 79 5.20 24.03 4.88
C LYS A 79 6.60 23.44 5.04
N ILE A 80 7.20 23.10 3.91
CA ILE A 80 8.57 22.58 3.87
C ILE A 80 9.34 23.58 3.01
N SER A 81 10.23 24.36 3.62
CA SER A 81 10.97 25.39 2.91
C SER A 81 11.81 24.91 1.74
N ARG A 82 12.47 23.76 1.90
CA ARG A 82 13.34 23.21 0.86
C ARG A 82 13.29 21.68 0.95
N VAL A 83 12.48 21.08 0.09
CA VAL A 83 12.30 19.62 0.07
C VAL A 83 13.56 18.82 -0.23
N GLU A 84 13.82 17.83 0.63
CA GLU A 84 14.97 16.95 0.49
C GLU A 84 14.42 15.54 0.23
N ALA A 85 15.25 14.66 -0.31
CA ALA A 85 14.83 13.31 -0.63
C ALA A 85 14.22 12.58 0.57
N GLU A 86 14.78 12.79 1.75
CA GLU A 86 14.27 12.15 2.95
C GLU A 86 12.87 12.60 3.35
N ASP A 87 12.38 13.69 2.74
CA ASP A 87 11.05 14.18 3.08
C ASP A 87 9.92 13.51 2.31
N LEU A 88 10.26 12.70 1.31
CA LEU A 88 9.24 12.03 0.51
C LEU A 88 8.51 10.97 1.32
N GLY A 89 7.18 11.00 1.26
CA GLY A 89 6.37 10.06 2.01
C GLY A 89 4.95 10.59 2.16
N VAL A 90 4.20 10.06 3.12
CA VAL A 90 2.83 10.51 3.31
C VAL A 90 2.69 11.36 4.56
N TYR A 91 2.08 12.53 4.40
CA TYR A 91 1.87 13.46 5.50
C TYR A 91 0.41 13.44 5.95
N PHE A 92 0.21 13.22 7.24
CA PHE A 92 -1.14 13.17 7.82
C PHE A 92 -1.37 14.26 8.83
N CYS A 93 -2.53 14.90 8.82
CA CYS A 93 -2.84 15.86 9.87
C CYS A 93 -3.75 15.07 10.80
N SER A 94 -3.86 15.51 12.05
CA SER A 94 -4.68 14.81 13.01
C SER A 94 -5.20 15.76 14.07
N GLN A 95 -6.43 15.53 14.55
CA GLN A 95 -7.00 16.39 15.59
C GLN A 95 -7.33 15.60 16.85
N SER A 96 -7.09 16.22 18.00
CA SER A 96 -7.38 15.60 19.28
C SER A 96 -8.10 16.61 20.18
N THR A 97 -8.79 17.55 19.55
CA THR A 97 -9.56 18.57 20.26
C THR A 97 -10.91 17.99 20.71
N HIS A 98 -11.55 17.24 19.81
CA HIS A 98 -12.85 16.63 20.09
C HIS A 98 -12.63 15.13 20.13
N VAL A 99 -12.49 14.58 21.33
CA VAL A 99 -12.22 13.16 21.49
C VAL A 99 -13.03 12.53 22.62
N PRO A 100 -13.33 11.23 22.51
CA PRO A 100 -12.95 10.40 21.36
C PRO A 100 -13.97 10.56 20.23
N PRO A 101 -13.60 10.14 19.01
CA PRO A 101 -12.31 9.55 18.67
C PRO A 101 -11.34 10.57 18.08
N LEU A 102 -10.05 10.28 18.24
CA LEU A 102 -8.99 11.09 17.68
C LEU A 102 -9.09 10.75 16.19
N THR A 103 -8.98 11.74 15.31
CA THR A 103 -9.11 11.46 13.88
C THR A 103 -7.96 11.99 13.01
N PHE A 104 -7.79 11.38 11.84
CA PHE A 104 -6.74 11.76 10.90
C PHE A 104 -7.28 12.08 9.52
N GLY A 105 -6.53 12.90 8.79
CA GLY A 105 -6.88 13.22 7.42
C GLY A 105 -6.43 12.01 6.60
N ALA A 106 -6.84 11.92 5.34
CA ALA A 106 -6.48 10.76 4.50
C ALA A 106 -5.02 10.73 4.07
N GLY A 107 -4.30 11.83 4.30
CA GLY A 107 -2.90 11.89 3.95
C GLY A 107 -2.61 12.51 2.60
N THR A 108 -1.40 13.06 2.48
CA THR A 108 -0.94 13.69 1.26
C THR A 108 0.42 13.09 0.92
N LYS A 109 0.52 12.53 -0.29
CA LYS A 109 1.77 11.93 -0.70
C LYS A 109 2.67 12.93 -1.41
N LEU A 110 3.82 13.18 -0.81
CA LEU A 110 4.81 14.09 -1.39
C LEU A 110 5.64 13.23 -2.33
N GLU A 111 5.59 13.56 -3.61
CA GLU A 111 6.31 12.80 -4.63
C GLU A 111 7.18 13.69 -5.52
N LEU A 112 7.95 13.06 -6.40
CA LEU A 112 8.85 13.78 -7.29
C LEU A 112 8.31 14.08 -8.69
N LYS A 113 8.61 15.28 -9.18
CA LYS A 113 8.19 15.67 -10.52
C LYS A 113 9.26 15.23 -11.50
N ARG A 114 8.86 15.00 -12.74
CA ARG A 114 9.76 14.61 -13.82
C ARG A 114 9.02 14.87 -15.13
N ALA A 115 9.72 14.76 -16.25
CA ALA A 115 9.09 15.01 -17.55
C ALA A 115 8.02 13.96 -17.84
N ASP A 116 7.00 14.34 -18.61
CA ASP A 116 5.94 13.40 -18.96
C ASP A 116 6.52 12.20 -19.70
N ALA A 117 5.87 11.05 -19.57
CA ALA A 117 6.31 9.83 -20.23
C ALA A 117 5.11 8.94 -20.54
N ALA A 118 5.00 8.53 -21.80
CA ALA A 118 3.91 7.67 -22.23
C ALA A 118 4.22 6.26 -21.74
N PRO A 119 3.19 5.49 -21.40
CA PRO A 119 3.41 4.12 -20.92
C PRO A 119 3.78 3.14 -22.03
N THR A 120 4.61 2.16 -21.69
CA THR A 120 4.98 1.11 -22.61
C THR A 120 4.00 -0.01 -22.25
N VAL A 121 3.12 -0.33 -23.18
CA VAL A 121 2.08 -1.31 -22.96
C VAL A 121 2.37 -2.67 -23.57
N SER A 122 2.17 -3.72 -22.78
CA SER A 122 2.39 -5.09 -23.24
C SER A 122 1.23 -5.97 -22.81
N ILE A 123 0.70 -6.78 -23.73
CA ILE A 123 -0.43 -7.65 -23.42
C ILE A 123 -0.03 -9.12 -23.50
N PHE A 124 -0.57 -9.92 -22.59
CA PHE A 124 -0.24 -11.35 -22.54
C PHE A 124 -1.47 -12.25 -22.41
N PRO A 125 -1.53 -13.30 -23.24
CA PRO A 125 -2.63 -14.25 -23.23
C PRO A 125 -2.51 -15.20 -22.04
N PRO A 126 -3.57 -15.96 -21.76
CA PRO A 126 -3.57 -16.93 -20.66
C PRO A 126 -2.50 -17.98 -20.98
N SER A 127 -1.81 -18.49 -19.97
CA SER A 127 -0.79 -19.52 -20.20
C SER A 127 -1.46 -20.87 -20.38
N SER A 128 -0.79 -21.80 -21.05
CA SER A 128 -1.36 -23.12 -21.26
C SER A 128 -1.54 -23.78 -19.90
N GLU A 129 -0.65 -23.47 -18.97
CA GLU A 129 -0.74 -24.06 -17.63
C GLU A 129 -1.99 -23.61 -16.90
N GLN A 130 -2.34 -22.33 -16.99
CA GLN A 130 -3.54 -21.86 -16.29
C GLN A 130 -4.81 -22.41 -16.92
N LEU A 131 -4.84 -22.47 -18.25
CA LEU A 131 -6.00 -22.97 -18.97
C LEU A 131 -6.34 -24.40 -18.56
N THR A 132 -5.32 -25.21 -18.28
CA THR A 132 -5.53 -26.59 -17.88
C THR A 132 -6.33 -26.67 -16.58
N SER A 133 -6.28 -25.61 -15.77
CA SER A 133 -7.02 -25.60 -14.51
C SER A 133 -8.40 -24.96 -14.65
N GLY A 134 -8.78 -24.59 -15.86
CA GLY A 134 -10.09 -23.99 -16.08
C GLY A 134 -10.16 -22.48 -15.98
N GLY A 135 -9.01 -21.83 -15.79
CA GLY A 135 -8.99 -20.39 -15.67
C GLY A 135 -8.29 -19.72 -16.85
N ALA A 136 -8.56 -18.43 -17.05
CA ALA A 136 -7.94 -17.70 -18.14
C ALA A 136 -7.75 -16.23 -17.80
N SER A 137 -6.53 -15.87 -17.39
CA SER A 137 -6.22 -14.50 -17.06
C SER A 137 -5.47 -13.85 -18.23
N VAL A 138 -5.95 -12.68 -18.65
CA VAL A 138 -5.29 -11.93 -19.72
C VAL A 138 -4.61 -10.78 -18.97
N VAL A 139 -3.31 -10.62 -19.17
CA VAL A 139 -2.57 -9.58 -18.45
C VAL A 139 -2.04 -8.45 -19.30
N CYS A 140 -2.12 -7.25 -18.76
CA CYS A 140 -1.64 -6.07 -19.45
C CYS A 140 -0.76 -5.23 -18.54
N PHE A 141 0.47 -4.96 -18.95
CA PHE A 141 1.36 -4.11 -18.16
C PHE A 141 1.43 -2.74 -18.84
N LEU A 142 1.31 -1.67 -18.05
CA LEU A 142 1.41 -0.30 -18.55
C LEU A 142 2.56 0.24 -17.72
N ASN A 143 3.76 0.17 -18.31
CA ASN A 143 4.99 0.54 -17.61
C ASN A 143 5.73 1.85 -17.88
N ASN A 144 6.38 2.33 -16.82
CA ASN A 144 7.19 3.54 -16.82
C ASN A 144 6.54 4.78 -17.42
N PHE A 145 5.41 5.20 -16.84
CA PHE A 145 4.72 6.38 -17.32
C PHE A 145 4.69 7.51 -16.28
N TYR A 146 4.42 8.72 -16.75
CA TYR A 146 4.34 9.89 -15.89
C TYR A 146 3.52 10.96 -16.61
N PRO A 147 2.60 11.65 -15.90
CA PRO A 147 2.25 11.52 -14.48
C PRO A 147 1.53 10.21 -14.13
N LYS A 148 1.26 10.01 -12.84
CA LYS A 148 0.62 8.79 -12.35
C LYS A 148 -0.83 8.50 -12.76
N ASP A 149 -1.57 9.53 -13.13
CA ASP A 149 -2.97 9.33 -13.52
C ASP A 149 -3.07 8.56 -14.83
N ILE A 150 -3.87 7.50 -14.83
CA ILE A 150 -4.03 6.69 -16.04
C ILE A 150 -5.31 5.86 -15.95
N ASN A 151 -5.89 5.58 -17.11
CA ASN A 151 -7.12 4.78 -17.17
C ASN A 151 -6.88 3.60 -18.11
N VAL A 152 -7.45 2.45 -17.74
CA VAL A 152 -7.32 1.24 -18.54
C VAL A 152 -8.68 0.66 -18.87
N LYS A 153 -8.86 0.29 -20.13
CA LYS A 153 -10.12 -0.28 -20.59
C LYS A 153 -9.89 -1.60 -21.32
N TRP A 154 -10.69 -2.61 -20.99
CA TRP A 154 -10.59 -3.91 -21.64
C TRP A 154 -11.73 -4.10 -22.63
N LYS A 155 -11.43 -4.72 -23.77
CA LYS A 155 -12.45 -4.98 -24.79
C LYS A 155 -12.33 -6.42 -25.27
N ILE A 156 -13.47 -7.09 -25.39
CA ILE A 156 -13.51 -8.47 -25.88
C ILE A 156 -14.34 -8.40 -27.16
N ASP A 157 -13.73 -8.80 -28.27
CA ASP A 157 -14.39 -8.74 -29.57
C ASP A 157 -14.92 -7.33 -29.84
N GLY A 158 -14.16 -6.32 -29.40
CA GLY A 158 -14.55 -4.94 -29.61
C GLY A 158 -15.48 -4.29 -28.61
N SER A 159 -16.06 -5.08 -27.70
CA SER A 159 -16.97 -4.53 -26.70
C SER A 159 -16.34 -4.41 -25.32
N GLU A 160 -16.56 -3.29 -24.67
CA GLU A 160 -16.02 -3.02 -23.33
C GLU A 160 -16.39 -4.12 -22.34
N ARG A 161 -15.42 -4.49 -21.52
CA ARG A 161 -15.61 -5.52 -20.50
C ARG A 161 -15.21 -4.97 -19.14
N GLN A 162 -16.09 -5.07 -18.15
CA GLN A 162 -15.79 -4.55 -16.82
C GLN A 162 -15.67 -5.62 -15.73
N ASN A 163 -16.44 -6.69 -15.84
CA ASN A 163 -16.38 -7.76 -14.85
C ASN A 163 -15.07 -8.55 -14.95
N GLY A 164 -14.49 -8.89 -13.80
CA GLY A 164 -13.26 -9.68 -13.79
C GLY A 164 -11.94 -8.95 -13.87
N VAL A 165 -11.96 -7.62 -13.83
CA VAL A 165 -10.72 -6.85 -13.91
C VAL A 165 -10.17 -6.48 -12.54
N LEU A 166 -8.87 -6.72 -12.35
CA LEU A 166 -8.19 -6.38 -11.11
C LEU A 166 -6.92 -5.62 -11.48
N ASN A 167 -6.71 -4.48 -10.83
CA ASN A 167 -5.54 -3.65 -11.11
C ASN A 167 -4.60 -3.52 -9.92
N SER A 168 -3.34 -3.25 -10.21
CA SER A 168 -2.33 -3.03 -9.19
C SER A 168 -1.36 -1.96 -9.70
N TRP A 169 -0.98 -1.05 -8.81
CA TRP A 169 -0.08 0.05 -9.13
C TRP A 169 1.18 0.04 -8.27
N THR A 170 2.32 0.37 -8.87
CA THR A 170 3.57 0.44 -8.12
C THR A 170 3.73 1.84 -7.54
N ASP A 171 4.60 1.99 -6.55
CA ASP A 171 4.87 3.31 -6.00
C ASP A 171 5.82 3.93 -7.02
N GLN A 172 6.06 5.23 -6.91
CA GLN A 172 6.96 5.92 -7.83
C GLN A 172 8.34 5.28 -7.82
N ASP A 173 8.87 5.02 -9.01
CA ASP A 173 10.18 4.39 -9.15
C ASP A 173 11.29 5.27 -8.58
N SER A 174 12.11 4.70 -7.69
CA SER A 174 13.19 5.44 -7.05
C SER A 174 14.33 5.81 -7.99
N LYS A 175 14.43 5.13 -9.13
CA LYS A 175 15.49 5.43 -10.09
C LYS A 175 15.07 6.40 -11.18
N ASP A 176 13.91 6.20 -11.80
CA ASP A 176 13.48 7.09 -12.87
C ASP A 176 12.22 7.91 -12.61
N SER A 177 11.69 7.82 -11.39
CA SER A 177 10.50 8.57 -11.00
C SER A 177 9.21 8.31 -11.79
N THR A 178 9.15 7.22 -12.54
CA THR A 178 7.93 6.91 -13.29
C THR A 178 7.04 6.00 -12.45
N TYR A 179 5.87 5.69 -12.99
CA TYR A 179 4.88 4.81 -12.35
C TYR A 179 4.57 3.66 -13.30
N SER A 180 4.07 2.56 -12.75
CA SER A 180 3.70 1.41 -13.55
C SER A 180 2.40 0.82 -13.01
N MET A 181 1.69 0.11 -13.87
CA MET A 181 0.41 -0.48 -13.50
C MET A 181 0.23 -1.84 -14.17
N SER A 182 -0.42 -2.75 -13.47
CA SER A 182 -0.69 -4.07 -14.02
C SER A 182 -2.21 -4.26 -13.95
N SER A 183 -2.80 -4.66 -15.07
CA SER A 183 -4.24 -4.90 -15.13
C SER A 183 -4.48 -6.32 -15.62
N THR A 184 -5.28 -7.08 -14.88
CA THR A 184 -5.57 -8.45 -15.25
C THR A 184 -7.07 -8.69 -15.39
N LEU A 185 -7.44 -9.24 -16.55
CA LEU A 185 -8.83 -9.56 -16.83
C LEU A 185 -8.94 -11.08 -16.67
N THR A 186 -9.64 -11.54 -15.64
CA THR A 186 -9.78 -12.98 -15.41
C THR A 186 -11.16 -13.50 -15.81
N LEU A 187 -11.15 -14.49 -16.70
CA LEU A 187 -12.35 -15.13 -17.22
C LEU A 187 -12.21 -16.61 -16.96
N THR A 188 -13.24 -17.38 -17.29
CA THR A 188 -13.17 -18.83 -17.15
C THR A 188 -12.60 -19.28 -18.50
N LYS A 189 -12.09 -20.51 -18.57
CA LYS A 189 -11.56 -21.01 -19.84
C LYS A 189 -12.71 -20.98 -20.86
N ASP A 190 -13.90 -21.29 -20.39
CA ASP A 190 -15.10 -21.30 -21.23
C ASP A 190 -15.32 -19.96 -21.93
N GLU A 191 -15.31 -18.89 -21.15
CA GLU A 191 -15.51 -17.55 -21.69
C GLU A 191 -14.38 -17.15 -22.65
N TYR A 192 -13.15 -17.49 -22.29
CA TYR A 192 -12.01 -17.16 -23.15
C TYR A 192 -12.11 -17.83 -24.53
N GLU A 193 -12.58 -19.08 -24.54
CA GLU A 193 -12.70 -19.82 -25.79
C GLU A 193 -13.94 -19.41 -26.57
N ARG A 194 -14.76 -18.56 -25.94
CA ARG A 194 -16.00 -18.08 -26.55
C ARG A 194 -15.75 -16.84 -27.42
N HIS A 195 -14.63 -16.17 -27.18
CA HIS A 195 -14.30 -14.98 -27.95
C HIS A 195 -12.90 -15.06 -28.55
N ASN A 196 -12.57 -14.16 -29.46
CA ASN A 196 -11.27 -14.22 -30.11
C ASN A 196 -10.37 -12.99 -29.95
N SER A 197 -10.97 -11.80 -29.98
CA SER A 197 -10.23 -10.55 -29.87
C SER A 197 -10.15 -10.00 -28.44
N TYR A 198 -8.93 -9.83 -27.94
CA TYR A 198 -8.71 -9.30 -26.60
C TYR A 198 -7.87 -8.03 -26.70
N THR A 199 -8.38 -6.96 -26.11
CA THR A 199 -7.72 -5.66 -26.19
C THR A 199 -7.57 -4.92 -24.86
N CYS A 200 -6.41 -4.29 -24.68
CA CYS A 200 -6.08 -3.50 -23.49
C CYS A 200 -5.92 -2.06 -24.00
N GLU A 201 -6.73 -1.14 -23.51
CA GLU A 201 -6.63 0.26 -23.94
C GLU A 201 -6.28 1.20 -22.80
N ALA A 202 -5.24 1.99 -23.01
CA ALA A 202 -4.78 2.93 -21.99
C ALA A 202 -5.02 4.39 -22.41
N THR A 203 -5.58 5.16 -21.48
CA THR A 203 -5.83 6.58 -21.70
C THR A 203 -4.87 7.30 -20.75
N HIS A 204 -4.02 8.15 -21.31
CA HIS A 204 -3.01 8.89 -20.54
C HIS A 204 -2.81 10.27 -21.19
N LYS A 205 -2.50 11.28 -20.37
CA LYS A 205 -2.33 12.64 -20.87
C LYS A 205 -1.36 12.78 -22.05
N THR A 206 -0.43 11.85 -22.17
CA THR A 206 0.56 11.89 -23.23
C THR A 206 -0.01 11.56 -24.61
N SER A 207 -1.31 11.29 -24.67
CA SER A 207 -1.94 10.96 -25.95
C SER A 207 -3.41 11.31 -25.99
N THR A 208 -3.82 11.96 -27.08
CA THR A 208 -5.21 12.36 -27.25
C THR A 208 -6.04 11.10 -27.48
N SER A 209 -5.41 10.07 -28.00
CA SER A 209 -6.10 8.79 -28.26
C SER A 209 -5.57 7.69 -27.36
N PRO A 210 -6.43 6.72 -27.01
CA PRO A 210 -6.00 5.62 -26.14
C PRO A 210 -4.89 4.79 -26.81
N ILE A 211 -3.94 4.31 -26.01
CA ILE A 211 -2.86 3.47 -26.53
C ILE A 211 -3.44 2.07 -26.56
N VAL A 212 -3.27 1.35 -27.66
CA VAL A 212 -3.86 0.02 -27.79
C VAL A 212 -2.93 -1.16 -28.07
N LYS A 213 -3.19 -2.25 -27.35
CA LYS A 213 -2.44 -3.49 -27.52
C LYS A 213 -3.53 -4.57 -27.60
N SER A 214 -3.38 -5.49 -28.54
CA SER A 214 -4.39 -6.52 -28.73
C SER A 214 -3.83 -7.78 -29.37
N PHE A 215 -4.61 -8.84 -29.30
CA PHE A 215 -4.22 -10.11 -29.90
C PHE A 215 -5.47 -10.93 -30.16
N ASN A 216 -5.36 -11.93 -31.03
CA ASN A 216 -6.46 -12.82 -31.35
C ASN A 216 -6.10 -14.20 -30.82
N ARG A 217 -7.00 -14.80 -30.06
CA ARG A 217 -6.77 -16.11 -29.47
C ARG A 217 -6.41 -17.24 -30.43
N ASN A 218 -7.19 -17.39 -31.50
CA ASN A 218 -6.95 -18.49 -32.42
C ASN A 218 -5.58 -18.46 -33.09
N GLU A 219 -4.84 -17.39 -32.85
CA GLU A 219 -3.49 -17.26 -33.39
C GLU A 219 -2.49 -17.69 -32.32
N CYS A 220 -2.95 -17.69 -31.07
CA CYS A 220 -2.20 -18.09 -29.85
C CYS A 220 -2.19 -17.13 -28.64
N GLU B 1 18.21 4.26 23.76
CA GLU B 1 17.02 4.80 23.03
C GLU B 1 15.73 4.63 23.83
N VAL B 2 14.71 5.37 23.43
CA VAL B 2 13.40 5.28 24.06
C VAL B 2 12.60 4.57 22.98
N LYS B 3 11.93 3.48 23.33
CA LYS B 3 11.18 2.76 22.31
C LYS B 3 10.09 1.85 22.87
N LEU B 4 9.32 1.28 21.96
CA LEU B 4 8.25 0.35 22.31
C LEU B 4 8.48 -0.93 21.54
N VAL B 5 8.75 -2.01 22.26
CA VAL B 5 8.99 -3.31 21.65
C VAL B 5 7.65 -3.99 21.42
N GLU B 6 7.26 -4.12 20.15
CA GLU B 6 5.99 -4.73 19.82
C GLU B 6 6.05 -6.25 19.75
N SER B 7 4.93 -6.89 20.08
CA SER B 7 4.83 -8.34 20.03
C SER B 7 4.56 -8.77 18.59
N ARG B 8 4.63 -10.06 18.32
CA ARG B 8 4.39 -10.57 16.98
C ARG B 8 2.89 -10.60 16.71
N GLY B 9 2.50 -10.37 15.46
CA GLY B 9 1.09 -10.38 15.11
C GLY B 9 0.57 -11.77 14.87
N GLY B 10 -0.36 -11.91 13.92
CA GLY B 10 -0.89 -13.23 13.64
C GLY B 10 -2.00 -13.29 12.61
N LEU B 11 -2.34 -14.54 12.25
CA LEU B 11 -3.38 -14.84 11.29
C LEU B 11 -4.53 -15.42 12.11
N VAL B 12 -5.74 -14.95 11.89
CA VAL B 12 -6.88 -15.43 12.65
C VAL B 12 -8.13 -15.55 11.80
N LYS B 13 -8.91 -16.60 12.05
CA LYS B 13 -10.15 -16.78 11.30
C LYS B 13 -11.19 -15.86 11.90
N PRO B 14 -12.19 -15.45 11.11
CA PRO B 14 -13.23 -14.57 11.64
C PRO B 14 -13.87 -15.14 12.90
N GLY B 15 -14.17 -14.28 13.86
CA GLY B 15 -14.77 -14.72 15.11
C GLY B 15 -13.72 -15.12 16.11
N GLY B 16 -12.50 -15.35 15.62
CA GLY B 16 -11.41 -15.75 16.48
C GLY B 16 -10.92 -14.64 17.38
N SER B 17 -9.85 -14.90 18.12
CA SER B 17 -9.28 -13.92 19.04
C SER B 17 -7.76 -13.91 18.96
N LEU B 18 -7.16 -12.79 19.37
CA LEU B 18 -5.72 -12.63 19.37
C LEU B 18 -5.33 -11.48 20.30
N GLN B 19 -4.16 -11.60 20.93
CA GLN B 19 -3.68 -10.56 21.84
C GLN B 19 -2.35 -9.96 21.40
N LEU B 20 -2.28 -8.63 21.37
CA LEU B 20 -1.06 -7.91 21.00
C LEU B 20 -0.52 -7.25 22.25
N SER B 21 0.76 -6.90 22.24
CA SER B 21 1.37 -6.23 23.39
C SER B 21 2.62 -5.48 23.00
N CYS B 22 3.01 -4.53 23.84
CA CYS B 22 4.20 -3.72 23.62
C CYS B 22 4.84 -3.43 24.96
N ALA B 23 6.17 -3.53 25.01
CA ALA B 23 6.90 -3.27 26.24
C ALA B 23 7.67 -1.97 26.11
N ALA B 24 7.61 -1.16 27.15
CA ALA B 24 8.33 0.10 27.13
C ALA B 24 9.80 -0.15 27.37
N SER B 25 10.64 0.68 26.79
CA SER B 25 12.08 0.56 26.96
C SER B 25 12.67 1.95 27.03
N GLY B 26 13.26 2.30 28.17
CA GLY B 26 13.84 3.61 28.33
C GLY B 26 12.89 4.61 28.99
N PHE B 27 11.69 4.15 29.32
CA PHE B 27 10.71 5.03 29.97
C PHE B 27 9.64 4.25 30.72
N THR B 28 8.76 4.99 31.38
CA THR B 28 7.67 4.42 32.16
C THR B 28 6.32 4.96 31.68
N PHE B 29 5.31 4.09 31.69
CA PHE B 29 3.96 4.45 31.24
C PHE B 29 3.27 5.55 32.04
N SER B 30 3.53 5.58 33.35
CA SER B 30 2.89 6.56 34.22
C SER B 30 2.90 7.98 33.67
N GLY B 31 1.71 8.56 33.58
CA GLY B 31 1.59 9.93 33.09
C GLY B 31 1.33 10.07 31.61
N TYR B 32 1.54 9.00 30.85
CA TYR B 32 1.33 9.04 29.41
C TYR B 32 0.02 8.42 28.99
N ALA B 33 -0.43 8.75 27.78
CA ALA B 33 -1.65 8.19 27.23
C ALA B 33 -1.19 7.08 26.30
N MET B 34 -1.24 5.83 26.77
CA MET B 34 -0.80 4.71 25.92
C MET B 34 -1.93 4.31 24.99
N SER B 35 -1.64 4.22 23.70
CA SER B 35 -2.67 3.90 22.72
C SER B 35 -2.30 2.90 21.62
N TRP B 36 -3.33 2.45 20.92
CA TRP B 36 -3.17 1.54 19.80
C TRP B 36 -3.78 2.22 18.57
N PHE B 37 -3.07 2.09 17.44
CA PHE B 37 -3.47 2.65 16.17
C PHE B 37 -3.37 1.54 15.13
N ARG B 38 -3.92 1.77 13.95
CA ARG B 38 -3.80 0.77 12.89
C ARG B 38 -3.83 1.43 11.52
N LEU B 39 -3.08 0.84 10.60
CA LEU B 39 -3.02 1.31 9.22
C LEU B 39 -3.75 0.24 8.43
N THR B 40 -4.92 0.58 7.90
CA THR B 40 -5.74 -0.37 7.15
C THR B 40 -5.15 -0.72 5.78
N PRO B 41 -5.71 -1.74 5.12
CA PRO B 41 -5.22 -2.15 3.80
C PRO B 41 -5.35 -0.99 2.81
N GLU B 42 -6.37 -0.17 3.00
CA GLU B 42 -6.62 0.99 2.13
C GLU B 42 -5.62 2.12 2.41
N LYS B 43 -4.75 1.91 3.39
CA LYS B 43 -3.72 2.87 3.76
C LYS B 43 -4.22 4.08 4.56
N ARG B 44 -5.22 3.86 5.39
CA ARG B 44 -5.76 4.94 6.22
C ARG B 44 -5.34 4.68 7.66
N LEU B 45 -4.93 5.75 8.35
CA LEU B 45 -4.50 5.64 9.73
C LEU B 45 -5.68 5.85 10.68
N GLU B 46 -5.91 4.89 11.57
CA GLU B 46 -7.02 4.96 12.53
C GLU B 46 -6.62 4.78 13.99
N TRP B 47 -7.23 5.56 14.87
CA TRP B 47 -6.98 5.42 16.31
C TRP B 47 -7.89 4.27 16.75
N VAL B 48 -7.40 3.41 17.64
CA VAL B 48 -8.19 2.26 18.10
C VAL B 48 -8.60 2.32 19.56
N ALA B 49 -7.67 2.69 20.43
CA ALA B 49 -7.97 2.76 21.86
C ALA B 49 -6.84 3.43 22.64
N SER B 50 -7.17 3.90 23.84
CA SER B 50 -6.20 4.58 24.69
C SER B 50 -6.49 4.26 26.16
N ILE B 51 -5.47 4.37 26.99
CA ILE B 51 -5.61 4.13 28.44
C ILE B 51 -4.64 5.07 29.16
N TYR B 52 -5.11 5.68 30.25
CA TYR B 52 -4.28 6.59 31.03
C TYR B 52 -4.18 6.16 32.50
N ASN B 53 -2.95 5.94 32.96
CA ASN B 53 -2.66 5.53 34.33
C ASN B 53 -3.62 4.46 34.86
N GLY B 54 -4.15 3.64 33.95
CA GLY B 54 -5.05 2.57 34.31
C GLY B 54 -6.47 2.92 34.75
N PHE B 55 -6.88 4.18 34.62
CA PHE B 55 -8.23 4.53 35.05
C PHE B 55 -9.08 5.28 34.02
N ARG B 56 -8.47 5.70 32.92
CA ARG B 56 -9.19 6.41 31.86
C ARG B 56 -9.09 5.55 30.59
N ILE B 57 -10.22 5.00 30.15
CA ILE B 57 -10.22 4.13 28.97
C ILE B 57 -11.17 4.57 27.86
N HIS B 58 -10.67 4.62 26.63
CA HIS B 58 -11.49 4.99 25.49
C HIS B 58 -11.31 4.02 24.34
N TYR B 59 -12.37 3.85 23.56
CA TYR B 59 -12.37 2.93 22.43
C TYR B 59 -13.02 3.51 21.18
N LEU B 60 -12.51 3.09 20.03
CA LEU B 60 -13.10 3.50 18.76
C LEU B 60 -14.41 2.72 18.80
N ASP B 61 -15.51 3.36 18.42
CA ASP B 61 -16.82 2.70 18.48
C ASP B 61 -16.90 1.32 17.84
N SER B 62 -16.31 1.17 16.66
CA SER B 62 -16.36 -0.12 15.96
C SER B 62 -15.70 -1.30 16.68
N VAL B 63 -14.94 -1.04 17.74
CA VAL B 63 -14.29 -2.14 18.45
C VAL B 63 -14.79 -2.33 19.88
N LYS B 64 -15.72 -1.49 20.31
CA LYS B 64 -16.25 -1.62 21.67
C LYS B 64 -16.93 -2.98 21.81
N GLY B 65 -16.64 -3.67 22.91
CA GLY B 65 -17.23 -4.97 23.15
C GLY B 65 -16.45 -6.11 22.51
N ARG B 66 -15.50 -5.78 21.65
CA ARG B 66 -14.69 -6.80 20.98
C ARG B 66 -13.22 -6.69 21.37
N PHE B 67 -12.71 -5.47 21.46
CA PHE B 67 -11.30 -5.23 21.80
C PHE B 67 -11.18 -4.72 23.23
N THR B 68 -10.12 -5.13 23.92
CA THR B 68 -9.89 -4.70 25.29
C THR B 68 -8.47 -4.20 25.50
N ILE B 69 -8.32 -2.93 25.88
CA ILE B 69 -7.00 -2.37 26.13
C ILE B 69 -6.74 -2.39 27.63
N SER B 70 -5.58 -2.87 28.02
CA SER B 70 -5.22 -2.91 29.43
C SER B 70 -3.75 -2.63 29.56
N SER B 71 -3.31 -2.30 30.76
CA SER B 71 -1.91 -1.99 30.99
C SER B 71 -1.39 -2.49 32.34
N ASP B 72 -0.14 -2.95 32.33
CA ASP B 72 0.54 -3.42 33.53
C ASP B 72 1.60 -2.38 33.83
N TYR B 73 1.27 -1.42 34.69
CA TYR B 73 2.21 -0.35 35.01
C TYR B 73 3.41 -0.80 35.83
N ALA B 74 3.33 -2.00 36.38
CA ALA B 74 4.44 -2.54 37.17
C ALA B 74 5.55 -2.95 36.21
N ARG B 75 5.17 -3.68 35.17
CA ARG B 75 6.11 -4.17 34.17
C ARG B 75 6.15 -3.25 32.95
N ASN B 76 5.22 -2.31 32.90
CA ASN B 76 5.15 -1.38 31.79
C ASN B 76 4.97 -2.12 30.46
N ILE B 77 3.83 -2.79 30.33
CA ILE B 77 3.49 -3.53 29.12
C ILE B 77 2.05 -3.20 28.75
N LEU B 78 1.84 -2.83 27.50
CA LEU B 78 0.52 -2.48 27.00
C LEU B 78 -0.06 -3.67 26.25
N TYR B 79 -1.36 -3.90 26.42
CA TYR B 79 -2.03 -5.03 25.77
C TYR B 79 -3.25 -4.61 24.96
N LEU B 80 -3.58 -5.43 23.96
CA LEU B 80 -4.76 -5.21 23.15
C LEU B 80 -5.35 -6.59 22.90
N GLN B 81 -6.39 -6.93 23.65
CA GLN B 81 -7.05 -8.22 23.49
C GLN B 81 -8.13 -8.05 22.44
N MET B 82 -7.98 -8.73 21.32
CA MET B 82 -8.94 -8.64 20.23
C MET B 82 -9.77 -9.91 20.14
N SER B 83 -11.08 -9.77 20.30
CA SER B 83 -11.97 -10.91 20.23
C SER B 83 -13.03 -10.63 19.18
N THR B 84 -13.75 -11.67 18.77
CA THR B 84 -14.79 -11.52 17.77
C THR B 84 -14.21 -10.75 16.59
N LEU B 85 -12.99 -11.13 16.18
CA LEU B 85 -12.31 -10.48 15.07
C LEU B 85 -13.06 -10.58 13.75
N ARG B 86 -13.06 -9.47 13.01
CA ARG B 86 -13.74 -9.39 11.72
C ARG B 86 -12.72 -9.14 10.60
N SER B 87 -13.15 -9.32 9.35
CA SER B 87 -12.26 -9.09 8.22
C SER B 87 -11.76 -7.65 8.22
N GLU B 88 -12.66 -6.73 8.54
CA GLU B 88 -12.34 -5.30 8.57
C GLU B 88 -11.26 -4.94 9.58
N ASP B 89 -10.95 -5.84 10.50
CA ASP B 89 -9.91 -5.58 11.49
C ASP B 89 -8.52 -5.85 10.94
N THR B 90 -8.43 -6.45 9.75
CA THR B 90 -7.14 -6.74 9.12
C THR B 90 -6.38 -5.44 8.91
N ALA B 91 -5.17 -5.37 9.45
CA ALA B 91 -4.35 -4.17 9.33
C ALA B 91 -3.01 -4.31 10.02
N MET B 92 -2.23 -3.24 9.96
CA MET B 92 -0.95 -3.17 10.62
C MET B 92 -1.23 -2.36 11.89
N TYR B 93 -0.99 -2.96 13.06
CA TYR B 93 -1.23 -2.27 14.33
C TYR B 93 0.02 -1.65 14.93
N TYR B 94 -0.16 -0.50 15.57
CA TYR B 94 0.93 0.21 16.23
C TYR B 94 0.53 0.60 17.64
N CYS B 95 1.44 0.43 18.58
CA CYS B 95 1.19 0.88 19.94
C CYS B 95 1.97 2.20 19.96
N SER B 96 1.56 3.15 20.80
CA SER B 96 2.25 4.43 20.83
C SER B 96 2.11 5.16 22.16
N ARG B 97 3.11 5.99 22.47
CA ARG B 97 3.10 6.79 23.69
C ARG B 97 2.70 8.20 23.33
N GLY B 98 1.67 8.71 24.00
CA GLY B 98 1.21 10.05 23.72
C GLY B 98 1.27 10.95 24.94
N ASP B 99 1.54 12.22 24.70
CA ASP B 99 1.61 13.20 25.76
C ASP B 99 0.17 13.48 26.19
N ALA B 100 -0.11 13.34 27.49
CA ALA B 100 -1.45 13.57 27.99
C ALA B 100 -1.88 15.03 27.89
N TYR B 101 -0.92 15.93 28.00
CA TYR B 101 -1.20 17.36 27.97
C TYR B 101 -1.35 17.97 26.58
N SER B 102 -0.42 17.67 25.68
CA SER B 102 -0.50 18.24 24.33
C SER B 102 -1.23 17.35 23.34
N ARG B 103 -1.51 16.11 23.75
CA ARG B 103 -2.27 15.16 22.95
C ARG B 103 -1.67 14.69 21.62
N TYR B 104 -0.34 14.63 21.56
CA TYR B 104 0.35 14.16 20.36
C TYR B 104 0.98 12.82 20.70
N PHE B 105 1.37 12.06 19.68
CA PHE B 105 1.99 10.75 19.89
C PHE B 105 3.38 10.75 19.25
N ASP B 106 4.41 10.74 20.09
CA ASP B 106 5.80 10.82 19.63
C ASP B 106 6.57 9.50 19.52
N VAL B 107 6.26 8.52 20.37
CA VAL B 107 6.96 7.24 20.32
C VAL B 107 6.04 6.16 19.76
N TRP B 108 6.48 5.51 18.68
CA TRP B 108 5.68 4.47 18.05
C TRP B 108 6.44 3.15 17.93
N GLY B 109 5.74 2.05 18.14
CA GLY B 109 6.36 0.75 17.99
C GLY B 109 6.38 0.42 16.50
N ALA B 110 7.06 -0.65 16.12
CA ALA B 110 7.10 -1.03 14.71
C ALA B 110 5.74 -1.63 14.41
N GLY B 111 5.34 -1.62 13.15
CA GLY B 111 4.04 -2.18 12.80
C GLY B 111 3.97 -3.68 13.04
N THR B 112 2.79 -4.15 13.45
CA THR B 112 2.54 -5.56 13.70
C THR B 112 1.30 -5.94 12.89
N THR B 113 1.45 -6.90 11.98
CA THR B 113 0.33 -7.30 11.12
C THR B 113 -0.65 -8.30 11.71
N VAL B 114 -1.93 -8.00 11.55
CA VAL B 114 -3.01 -8.87 12.00
C VAL B 114 -3.89 -9.12 10.78
N THR B 115 -3.99 -10.37 10.36
CA THR B 115 -4.81 -10.72 9.21
C THR B 115 -5.95 -11.61 9.67
N VAL B 116 -7.17 -11.21 9.38
CA VAL B 116 -8.35 -11.97 9.73
C VAL B 116 -8.92 -12.58 8.46
N SER B 117 -8.81 -13.90 8.32
CA SER B 117 -9.30 -14.58 7.13
C SER B 117 -9.59 -16.06 7.35
N ALA B 118 -10.46 -16.61 6.52
CA ALA B 118 -10.83 -18.02 6.61
C ALA B 118 -9.97 -18.87 5.67
N ALA B 119 -9.08 -18.21 4.94
CA ALA B 119 -8.21 -18.91 4.00
C ALA B 119 -7.20 -19.81 4.68
N LYS B 120 -6.84 -20.90 4.00
CA LYS B 120 -5.88 -21.87 4.52
C LYS B 120 -4.57 -21.66 3.76
N THR B 121 -3.45 -22.06 4.35
CA THR B 121 -2.15 -21.92 3.70
C THR B 121 -2.25 -22.56 2.32
N THR B 122 -1.99 -21.78 1.28
CA THR B 122 -2.06 -22.27 -0.09
C THR B 122 -0.84 -21.82 -0.90
N ALA B 123 -0.19 -22.77 -1.57
CA ALA B 123 0.96 -22.45 -2.40
C ALA B 123 0.44 -21.77 -3.65
N PRO B 124 1.24 -20.84 -4.22
CA PRO B 124 0.75 -20.17 -5.42
C PRO B 124 1.00 -20.96 -6.70
N SER B 125 0.19 -20.69 -7.71
CA SER B 125 0.37 -21.30 -9.01
C SER B 125 1.13 -20.19 -9.74
N VAL B 126 2.25 -20.56 -10.37
CA VAL B 126 3.09 -19.59 -11.06
C VAL B 126 3.00 -19.82 -12.57
N TYR B 127 2.45 -18.82 -13.26
CA TYR B 127 2.25 -18.91 -14.71
C TYR B 127 3.19 -18.02 -15.51
N PRO B 128 3.80 -18.57 -16.57
CA PRO B 128 4.72 -17.79 -17.40
C PRO B 128 3.92 -16.93 -18.39
N LEU B 129 4.35 -15.69 -18.60
CA LEU B 129 3.67 -14.81 -19.54
C LEU B 129 4.65 -14.52 -20.68
N ALA B 130 4.42 -15.18 -21.81
CA ALA B 130 5.29 -15.02 -22.98
C ALA B 130 4.65 -14.06 -23.97
N PRO B 131 5.47 -13.22 -24.63
CA PRO B 131 5.02 -12.23 -25.61
C PRO B 131 4.10 -12.81 -26.68
N VAL B 132 3.13 -12.01 -27.10
CA VAL B 132 2.19 -12.43 -28.13
C VAL B 132 2.91 -12.44 -29.47
N CYS B 133 2.27 -13.06 -30.45
CA CYS B 133 2.82 -13.17 -31.80
C CYS B 133 2.97 -11.79 -32.46
N GLY B 134 4.21 -11.34 -32.60
CA GLY B 134 4.43 -10.07 -33.25
C GLY B 134 5.12 -9.00 -32.41
N ASP B 135 5.16 -9.20 -31.09
CA ASP B 135 5.81 -8.24 -30.20
C ASP B 135 7.16 -8.73 -29.68
N THR B 136 7.86 -9.50 -30.50
CA THR B 136 9.16 -10.03 -30.14
C THR B 136 10.27 -9.47 -31.03
N THR B 137 9.94 -8.50 -31.88
CA THR B 137 10.95 -7.93 -32.77
C THR B 137 11.21 -6.44 -32.64
N GLY B 138 10.89 -5.88 -31.48
CA GLY B 138 11.16 -4.47 -31.24
C GLY B 138 12.55 -4.35 -30.67
N SER B 139 12.93 -3.16 -30.19
CA SER B 139 14.26 -2.99 -29.61
C SER B 139 14.36 -3.79 -28.31
N SER B 140 13.25 -3.86 -27.59
CA SER B 140 13.20 -4.59 -26.33
C SER B 140 12.00 -5.51 -26.31
N VAL B 141 12.01 -6.47 -25.40
CA VAL B 141 10.90 -7.40 -25.28
C VAL B 141 10.55 -7.52 -23.80
N THR B 142 9.25 -7.58 -23.52
CA THR B 142 8.79 -7.69 -22.14
C THR B 142 8.18 -9.07 -21.87
N LEU B 143 8.59 -9.67 -20.76
CA LEU B 143 8.10 -10.99 -20.35
C LEU B 143 7.43 -10.81 -19.00
N GLY B 144 6.64 -11.80 -18.58
CA GLY B 144 5.97 -11.67 -17.31
C GLY B 144 5.79 -12.95 -16.54
N CYS B 145 5.26 -12.78 -15.34
CA CYS B 145 5.01 -13.88 -14.42
C CYS B 145 3.75 -13.55 -13.62
N LEU B 146 2.78 -14.48 -13.61
CA LEU B 146 1.54 -14.29 -12.86
C LEU B 146 1.56 -15.29 -11.70
N VAL B 147 1.52 -14.78 -10.46
CA VAL B 147 1.53 -15.61 -9.25
C VAL B 147 0.12 -15.52 -8.69
N LYS B 148 -0.62 -16.61 -8.83
CA LYS B 148 -2.03 -16.64 -8.46
C LYS B 148 -2.48 -17.66 -7.40
N GLY B 149 -3.39 -17.21 -6.54
CA GLY B 149 -3.97 -18.07 -5.52
C GLY B 149 -3.12 -18.53 -4.35
N TYR B 150 -2.40 -17.61 -3.70
CA TYR B 150 -1.61 -18.01 -2.55
C TYR B 150 -2.09 -17.35 -1.27
N PHE B 151 -1.70 -17.94 -0.15
CA PHE B 151 -2.06 -17.42 1.16
C PHE B 151 -1.19 -18.10 2.22
N PRO B 152 -0.67 -17.33 3.17
CA PRO B 152 -0.89 -15.89 3.29
C PRO B 152 0.29 -15.16 2.64
N GLU B 153 0.34 -13.84 2.78
CA GLU B 153 1.46 -13.07 2.26
C GLU B 153 2.64 -13.44 3.16
N PRO B 154 3.88 -13.28 2.66
CA PRO B 154 4.21 -12.78 1.33
C PRO B 154 4.88 -13.87 0.49
N VAL B 155 5.33 -13.47 -0.69
CA VAL B 155 6.06 -14.36 -1.59
C VAL B 155 7.28 -13.54 -1.97
N THR B 156 8.32 -14.22 -2.42
CA THR B 156 9.53 -13.55 -2.85
C THR B 156 9.70 -13.88 -4.32
N LEU B 157 9.70 -12.86 -5.17
CA LEU B 157 9.83 -13.11 -6.60
C LEU B 157 11.09 -12.45 -7.14
N THR B 158 11.86 -13.21 -7.92
CA THR B 158 13.07 -12.68 -8.53
C THR B 158 13.10 -13.16 -9.97
N TRP B 159 13.97 -12.57 -10.77
CA TRP B 159 14.15 -12.97 -12.16
C TRP B 159 15.60 -13.43 -12.28
N ASN B 160 15.80 -14.58 -12.90
CA ASN B 160 17.14 -15.16 -13.06
C ASN B 160 17.89 -15.20 -11.75
N SER B 161 17.17 -15.60 -10.70
CA SER B 161 17.70 -15.76 -9.35
C SER B 161 18.17 -14.46 -8.71
N GLY B 162 17.79 -13.34 -9.31
CA GLY B 162 18.17 -12.04 -8.77
C GLY B 162 19.20 -11.31 -9.60
N SER B 163 19.85 -12.01 -10.52
CA SER B 163 20.86 -11.38 -11.37
C SER B 163 20.22 -10.38 -12.33
N LEU B 164 18.96 -10.63 -12.67
CA LEU B 164 18.24 -9.73 -13.56
C LEU B 164 17.41 -8.82 -12.65
N SER B 165 17.88 -7.60 -12.44
CA SER B 165 17.19 -6.66 -11.56
C SER B 165 16.68 -5.39 -12.24
N SER B 166 17.41 -4.90 -13.23
CA SER B 166 16.97 -3.68 -13.92
C SER B 166 15.85 -3.98 -14.90
N GLY B 167 14.95 -3.01 -15.07
CA GLY B 167 13.84 -3.19 -15.97
C GLY B 167 12.76 -4.12 -15.45
N VAL B 168 12.77 -4.33 -14.14
CA VAL B 168 11.78 -5.21 -13.51
C VAL B 168 10.74 -4.39 -12.76
N HIS B 169 9.48 -4.82 -12.83
CA HIS B 169 8.39 -4.17 -12.10
C HIS B 169 7.56 -5.28 -11.45
N THR B 170 7.60 -5.38 -10.13
CA THR B 170 6.82 -6.38 -9.44
C THR B 170 5.71 -5.59 -8.74
N PHE B 171 4.47 -5.98 -9.01
CA PHE B 171 3.32 -5.25 -8.47
C PHE B 171 2.75 -5.76 -7.15
N PRO B 172 2.18 -4.86 -6.34
CA PRO B 172 1.60 -5.24 -5.05
C PRO B 172 0.48 -6.26 -5.25
N ALA B 173 0.38 -7.21 -4.33
CA ALA B 173 -0.64 -8.24 -4.43
C ALA B 173 -2.04 -7.67 -4.24
N VAL B 174 -3.03 -8.34 -4.83
CA VAL B 174 -4.41 -7.95 -4.69
C VAL B 174 -5.18 -9.20 -4.28
N LEU B 175 -6.30 -9.03 -3.59
CA LEU B 175 -7.09 -10.18 -3.17
C LEU B 175 -8.00 -10.65 -4.29
N GLN B 176 -8.04 -11.96 -4.50
CA GLN B 176 -8.88 -12.57 -5.53
C GLN B 176 -9.43 -13.87 -4.96
N SER B 177 -10.72 -13.87 -4.65
CA SER B 177 -11.36 -15.06 -4.07
C SER B 177 -10.67 -15.38 -2.74
N ASP B 178 -10.52 -14.35 -1.91
CA ASP B 178 -9.88 -14.48 -0.61
C ASP B 178 -8.43 -14.95 -0.67
N LEU B 179 -7.89 -15.10 -1.87
CA LEU B 179 -6.50 -15.50 -2.03
C LEU B 179 -5.75 -14.36 -2.72
N TYR B 180 -4.43 -14.35 -2.59
CA TYR B 180 -3.63 -13.27 -3.19
C TYR B 180 -3.15 -13.58 -4.60
N THR B 181 -3.04 -12.53 -5.41
CA THR B 181 -2.55 -12.62 -6.77
C THR B 181 -1.59 -11.46 -6.98
N LEU B 182 -0.44 -11.76 -7.58
CA LEU B 182 0.61 -10.79 -7.83
C LEU B 182 1.18 -11.01 -9.24
N SER B 183 1.75 -9.97 -9.84
CA SER B 183 2.35 -10.12 -11.16
C SER B 183 3.69 -9.38 -11.19
N SER B 184 4.53 -9.73 -12.16
CA SER B 184 5.82 -9.09 -12.32
C SER B 184 6.22 -9.12 -13.78
N SER B 185 6.78 -8.02 -14.26
CA SER B 185 7.23 -7.95 -15.65
C SER B 185 8.72 -7.64 -15.67
N VAL B 186 9.40 -8.09 -16.72
CA VAL B 186 10.83 -7.81 -16.89
C VAL B 186 11.00 -7.48 -18.36
N THR B 187 11.78 -6.44 -18.64
CA THR B 187 12.02 -5.99 -20.01
C THR B 187 13.51 -6.10 -20.32
N VAL B 188 13.83 -6.79 -21.41
CA VAL B 188 15.22 -7.00 -21.82
C VAL B 188 15.41 -6.70 -23.30
N THR B 189 16.67 -6.57 -23.70
CA THR B 189 16.98 -6.31 -25.11
C THR B 189 16.50 -7.47 -25.95
N SER B 190 15.93 -7.15 -27.11
CA SER B 190 15.38 -8.13 -28.04
C SER B 190 16.27 -9.32 -28.38
N SER B 191 17.58 -9.09 -28.47
CA SER B 191 18.51 -10.16 -28.82
C SER B 191 18.80 -11.13 -27.67
N THR B 192 18.48 -10.71 -26.44
CA THR B 192 18.72 -11.54 -25.26
C THR B 192 17.90 -12.83 -25.21
N TRP B 193 16.58 -12.67 -25.29
CA TRP B 193 15.65 -13.79 -25.22
C TRP B 193 15.16 -14.19 -26.61
N PRO B 194 14.95 -15.50 -26.88
CA PRO B 194 15.10 -16.66 -26.00
C PRO B 194 16.46 -17.35 -26.07
N SER B 195 17.42 -16.75 -26.78
CA SER B 195 18.75 -17.34 -26.88
C SER B 195 19.29 -17.51 -25.47
N GLN B 196 19.01 -16.52 -24.63
CA GLN B 196 19.43 -16.55 -23.23
C GLN B 196 18.14 -16.83 -22.43
N SER B 197 18.23 -17.65 -21.39
CA SER B 197 17.03 -17.98 -20.63
C SER B 197 16.61 -16.92 -19.64
N ILE B 198 15.30 -16.83 -19.43
CA ILE B 198 14.69 -15.90 -18.48
C ILE B 198 13.78 -16.78 -17.62
N THR B 199 13.97 -16.71 -16.31
CA THR B 199 13.21 -17.53 -15.38
C THR B 199 12.66 -16.72 -14.20
N CYS B 200 11.39 -16.99 -13.88
CA CYS B 200 10.70 -16.34 -12.77
C CYS B 200 10.84 -17.26 -11.55
N ASN B 201 11.42 -16.75 -10.47
CA ASN B 201 11.61 -17.55 -9.26
C ASN B 201 10.65 -17.07 -8.18
N VAL B 202 9.80 -17.96 -7.69
CA VAL B 202 8.81 -17.61 -6.68
C VAL B 202 8.95 -18.48 -5.44
N ALA B 203 9.17 -17.83 -4.31
CA ALA B 203 9.32 -18.51 -3.04
C ALA B 203 8.16 -18.10 -2.15
N HIS B 204 7.53 -19.09 -1.52
CA HIS B 204 6.42 -18.84 -0.62
C HIS B 204 6.77 -19.54 0.68
N PRO B 205 7.40 -18.81 1.62
CA PRO B 205 7.80 -19.33 2.93
C PRO B 205 6.77 -20.23 3.62
N ALA B 206 5.57 -19.68 3.82
CA ALA B 206 4.49 -20.40 4.48
C ALA B 206 4.33 -21.85 4.07
N SER B 207 4.40 -22.13 2.78
CA SER B 207 4.24 -23.50 2.28
C SER B 207 5.56 -24.20 1.94
N SER B 208 6.67 -23.59 2.31
CA SER B 208 7.97 -24.18 2.02
C SER B 208 8.04 -24.58 0.55
N THR B 209 7.51 -23.72 -0.31
CA THR B 209 7.51 -24.02 -1.74
C THR B 209 8.38 -23.03 -2.52
N LYS B 210 9.11 -23.57 -3.48
CA LYS B 210 9.97 -22.77 -4.34
C LYS B 210 9.64 -23.21 -5.76
N VAL B 211 9.11 -22.29 -6.55
CA VAL B 211 8.76 -22.61 -7.92
C VAL B 211 9.53 -21.75 -8.89
N ASP B 212 10.15 -22.40 -9.87
CA ASP B 212 10.89 -21.68 -10.88
C ASP B 212 10.17 -21.93 -12.19
N LYS B 213 9.81 -20.86 -12.88
CA LYS B 213 9.12 -21.00 -14.14
C LYS B 213 9.91 -20.33 -15.26
N LYS B 214 10.33 -21.13 -16.23
CA LYS B 214 11.07 -20.59 -17.37
C LYS B 214 10.08 -20.00 -18.36
N ILE B 215 10.42 -18.84 -18.91
CA ILE B 215 9.55 -18.22 -19.89
C ILE B 215 10.03 -18.65 -21.26
N GLU B 216 9.21 -19.42 -21.96
CA GLU B 216 9.59 -19.90 -23.28
C GLU B 216 8.63 -19.46 -24.39
N PRO B 217 9.16 -19.37 -25.62
CA PRO B 217 8.44 -18.98 -26.84
C PRO B 217 7.14 -19.74 -27.08
N ARG B 218 6.25 -19.12 -27.86
CA ARG B 218 4.95 -19.66 -28.23
C ARG B 218 4.18 -20.23 -27.04
#